data_8FEH
#
_entry.id   8FEH
#
_entity_poly.entity_id   1
_entity_poly.type   'polypeptide(L)'
_entity_poly.pdbx_seq_one_letter_code
;AKLETVTLGNIGKDGKQTLVLNPRGVNPTNGVASLSQAGAVPALEKRVTVSVSQPSRNRKNYKVQVKIQNPTACTANGSC
DPSVTRQAYADVTFSFTQYSTDEERAFVRTELAALLASPLLIDAIDQLNPAYAYGGAKLETVTLGNIGKDGKQTLVLNPR
GVNPTNGVASLSQAGAVPALEKRVTVSVSQPSRNRKNYKVQVKIQNPTACTANGSCDPSVTRQAYADVTFSFTQYSTDEE
RAFVRTELAALLASPLLIDAIDQLNPAY
;
_entity_poly.pdbx_strand_id   D
#
# COMPACT_ATOMS: atom_id res chain seq x y z
N ALA A 1 -13.69 -2.78 -14.93
CA ALA A 1 -15.12 -3.03 -14.74
C ALA A 1 -15.41 -4.52 -14.76
N LYS A 2 -14.66 -5.26 -15.56
CA LYS A 2 -14.83 -6.69 -15.70
C LYS A 2 -13.56 -7.39 -15.23
N LEU A 3 -13.73 -8.45 -14.44
CA LEU A 3 -12.61 -9.19 -13.89
C LEU A 3 -11.94 -10.03 -14.97
N GLU A 4 -10.63 -10.17 -14.85
CA GLU A 4 -9.85 -11.03 -15.73
C GLU A 4 -8.81 -11.75 -14.88
N THR A 5 -8.00 -12.57 -15.53
CA THR A 5 -6.91 -13.23 -14.85
C THR A 5 -5.71 -12.28 -14.78
N VAL A 6 -5.24 -12.03 -13.57
CA VAL A 6 -4.19 -11.04 -13.32
C VAL A 6 -2.88 -11.78 -13.11
N THR A 7 -1.88 -11.44 -13.91
CA THR A 7 -0.58 -12.07 -13.86
C THR A 7 0.46 -11.04 -13.43
N LEU A 8 1.17 -11.34 -12.34
CA LEU A 8 2.19 -10.46 -11.81
C LEU A 8 3.54 -11.15 -11.88
N GLY A 9 4.53 -10.43 -12.40
CA GLY A 9 5.88 -10.95 -12.52
C GLY A 9 6.86 -10.13 -11.71
N ASN A 10 8.12 -10.59 -11.77
CA ASN A 10 9.26 -10.14 -10.93
C ASN A 10 8.86 -9.84 -9.49
N ILE A 11 8.34 -10.84 -8.81
CA ILE A 11 7.97 -10.75 -7.42
C ILE A 11 9.09 -11.35 -6.58
N GLY A 12 9.27 -10.83 -5.37
CA GLY A 12 10.27 -11.36 -4.46
C GLY A 12 11.52 -10.50 -4.45
N LYS A 13 12.49 -10.96 -3.65
CA LYS A 13 13.79 -10.28 -3.60
C LYS A 13 14.52 -10.39 -4.93
N ASP A 14 14.57 -11.60 -5.49
CA ASP A 14 15.28 -11.83 -6.73
C ASP A 14 14.57 -11.24 -7.93
N GLY A 15 13.27 -10.97 -7.83
CA GLY A 15 12.53 -10.49 -8.98
C GLY A 15 12.39 -11.54 -10.06
N LYS A 16 12.28 -12.80 -9.67
CA LYS A 16 12.11 -13.90 -10.62
C LYS A 16 10.82 -14.66 -10.43
N GLN A 17 10.15 -14.52 -9.30
CA GLN A 17 8.92 -15.25 -9.08
C GLN A 17 7.77 -14.59 -9.82
N THR A 18 6.74 -15.38 -10.09
CA THR A 18 5.60 -14.95 -10.89
C THR A 18 4.33 -15.48 -10.23
N LEU A 19 3.28 -14.66 -10.26
CA LEU A 19 2.02 -15.01 -9.61
C LEU A 19 0.88 -14.82 -10.59
N VAL A 20 -0.02 -15.79 -10.62
CA VAL A 20 -1.22 -15.75 -11.44
C VAL A 20 -2.42 -15.80 -10.52
N LEU A 21 -3.25 -14.77 -10.55
CA LEU A 21 -4.37 -14.63 -9.63
C LEU A 21 -5.66 -14.84 -10.40
N ASN A 22 -6.22 -16.03 -10.28
CA ASN A 22 -7.47 -16.34 -10.95
C ASN A 22 -8.62 -15.67 -10.21
N PRO A 23 -9.50 -14.96 -10.91
CA PRO A 23 -10.61 -14.30 -10.22
C PRO A 23 -11.66 -15.29 -9.75
N ARG A 24 -12.12 -15.10 -8.52
CA ARG A 24 -13.15 -15.94 -7.93
C ARG A 24 -14.49 -15.23 -7.78
N GLY A 25 -14.70 -14.15 -8.51
CA GLY A 25 -16.01 -13.54 -8.55
C GLY A 25 -16.18 -12.45 -7.50
N VAL A 26 -17.30 -11.76 -7.61
CA VAL A 26 -17.59 -10.58 -6.80
C VAL A 26 -18.67 -10.96 -5.80
N ASN A 27 -18.32 -10.97 -4.52
CA ASN A 27 -19.29 -11.13 -3.45
C ASN A 27 -20.21 -9.93 -3.42
N PRO A 28 -21.52 -10.11 -3.69
CA PRO A 28 -22.42 -8.95 -3.75
C PRO A 28 -22.98 -8.52 -2.40
N THR A 29 -22.66 -9.25 -1.32
CA THR A 29 -23.16 -8.86 0.00
C THR A 29 -22.47 -7.60 0.49
N ASN A 30 -21.16 -7.52 0.35
CA ASN A 30 -20.41 -6.33 0.72
C ASN A 30 -19.66 -5.70 -0.45
N GLY A 31 -19.89 -6.17 -1.68
CA GLY A 31 -19.34 -5.54 -2.87
C GLY A 31 -17.84 -5.69 -3.01
N VAL A 32 -17.30 -6.85 -2.64
CA VAL A 32 -15.86 -7.05 -2.56
C VAL A 32 -15.47 -8.09 -3.61
N ALA A 33 -14.72 -7.66 -4.62
CA ALA A 33 -14.13 -8.61 -5.55
C ALA A 33 -13.05 -9.41 -4.87
N SER A 34 -12.80 -10.62 -5.37
CA SER A 34 -11.84 -11.51 -4.76
C SER A 34 -11.05 -12.24 -5.82
N LEU A 35 -9.74 -12.31 -5.63
CA LEU A 35 -8.87 -13.06 -6.54
C LEU A 35 -7.98 -13.96 -5.70
N SER A 36 -7.76 -15.18 -6.16
CA SER A 36 -6.89 -16.12 -5.48
C SER A 36 -6.08 -16.90 -6.48
N GLN A 37 -5.18 -17.73 -5.97
CA GLN A 37 -4.45 -18.69 -6.77
C GLN A 37 -5.34 -19.92 -7.01
N ALA A 38 -4.77 -20.94 -7.64
CA ALA A 38 -5.41 -22.24 -7.77
C ALA A 38 -4.54 -23.25 -7.04
N GLY A 39 -5.00 -23.69 -5.86
CA GLY A 39 -4.25 -24.66 -5.08
C GLY A 39 -5.13 -25.78 -4.55
N ALA A 40 -6.42 -25.74 -4.92
CA ALA A 40 -7.43 -26.78 -4.75
C ALA A 40 -7.87 -26.99 -3.30
N VAL A 41 -7.23 -26.32 -2.35
CA VAL A 41 -7.65 -26.31 -0.96
C VAL A 41 -7.76 -24.85 -0.52
N PRO A 42 -8.88 -24.43 0.08
CA PRO A 42 -9.09 -22.98 0.31
C PRO A 42 -8.17 -22.38 1.35
N ALA A 43 -7.60 -23.20 2.24
CA ALA A 43 -6.71 -22.67 3.27
C ALA A 43 -5.41 -22.15 2.68
N LEU A 44 -4.86 -22.85 1.70
CA LEU A 44 -3.57 -22.49 1.13
C LEU A 44 -3.74 -21.64 -0.14
N GLU A 45 -4.38 -20.48 0.02
CA GLU A 45 -4.67 -19.63 -1.12
C GLU A 45 -4.21 -18.21 -0.84
N LYS A 46 -3.39 -17.66 -1.72
CA LYS A 46 -3.05 -16.25 -1.63
C LYS A 46 -4.19 -15.42 -2.17
N ARG A 47 -4.92 -14.76 -1.28
CA ARG A 47 -6.17 -14.08 -1.64
C ARG A 47 -5.94 -12.59 -1.73
N VAL A 48 -6.53 -11.96 -2.74
CA VAL A 48 -6.51 -10.52 -2.96
C VAL A 48 -7.94 -10.03 -3.04
N THR A 49 -8.29 -9.04 -2.21
CA THR A 49 -9.63 -8.47 -2.22
C THR A 49 -9.55 -6.99 -2.55
N VAL A 50 -10.40 -6.55 -3.48
CA VAL A 50 -10.48 -5.16 -3.91
C VAL A 50 -11.92 -4.70 -3.76
N SER A 51 -12.13 -3.57 -3.10
CA SER A 51 -13.47 -3.01 -2.99
C SER A 51 -13.40 -1.49 -3.09
N VAL A 52 -14.43 -0.92 -3.71
CA VAL A 52 -14.56 0.52 -3.88
C VAL A 52 -15.88 0.96 -3.27
N SER A 53 -15.81 1.86 -2.30
CA SER A 53 -17.00 2.30 -1.58
C SER A 53 -17.44 3.66 -2.08
N GLN A 54 -18.73 3.78 -2.38
CA GLN A 54 -19.29 5.06 -2.76
C GLN A 54 -19.40 5.97 -1.55
N PRO A 55 -19.46 7.29 -1.75
CA PRO A 55 -19.75 8.19 -0.63
C PRO A 55 -21.16 8.00 -0.12
N SER A 56 -21.31 8.01 1.19
CA SER A 56 -22.58 7.81 1.84
C SER A 56 -22.93 9.02 2.69
N ARG A 57 -24.04 8.92 3.41
CA ARG A 57 -24.42 9.97 4.34
C ARG A 57 -23.48 10.03 5.53
N ASN A 58 -22.83 8.91 5.86
CA ASN A 58 -21.87 8.88 6.96
C ASN A 58 -20.44 9.10 6.46
N ARG A 59 -20.07 8.45 5.37
CA ARG A 59 -18.69 8.48 4.90
C ARG A 59 -18.34 9.83 4.29
N LYS A 60 -19.13 10.26 3.30
CA LYS A 60 -18.97 11.51 2.55
C LYS A 60 -17.61 11.60 1.83
N ASN A 61 -17.08 10.47 1.40
CA ASN A 61 -15.79 10.38 0.72
C ASN A 61 -15.76 9.08 -0.09
N TYR A 62 -14.92 9.07 -1.11
CA TYR A 62 -14.62 7.83 -1.79
C TYR A 62 -13.54 7.10 -1.01
N LYS A 63 -13.64 5.77 -0.99
CA LYS A 63 -12.71 4.96 -0.23
C LYS A 63 -12.47 3.65 -0.96
N VAL A 64 -11.21 3.38 -1.25
CA VAL A 64 -10.80 2.16 -1.95
C VAL A 64 -10.05 1.29 -0.97
N GLN A 65 -10.40 0.02 -0.91
CA GLN A 65 -9.87 -0.90 0.08
C GLN A 65 -9.25 -2.08 -0.63
N VAL A 66 -7.96 -2.31 -0.42
CA VAL A 66 -7.25 -3.45 -0.99
C VAL A 66 -6.61 -4.24 0.13
N LYS A 67 -7.00 -5.49 0.27
CA LYS A 67 -6.39 -6.40 1.23
C LYS A 67 -5.76 -7.56 0.49
N ILE A 68 -4.72 -8.14 1.07
CA ILE A 68 -4.03 -9.26 0.47
C ILE A 68 -3.50 -10.18 1.58
N GLN A 69 -3.75 -11.49 1.42
CA GLN A 69 -3.31 -12.49 2.37
C GLN A 69 -2.27 -13.39 1.73
N ASN A 70 -1.49 -14.07 2.57
CA ASN A 70 -0.47 -14.99 2.10
C ASN A 70 -0.23 -16.04 3.16
N PRO A 71 -0.96 -17.15 3.11
CA PRO A 71 -0.79 -18.20 4.11
C PRO A 71 0.47 -19.01 3.85
N THR A 72 0.92 -19.69 4.90
CA THR A 72 2.11 -20.52 4.85
C THR A 72 1.76 -21.93 5.27
N ALA A 73 2.14 -22.91 4.45
CA ALA A 73 1.83 -24.30 4.71
C ALA A 73 3.01 -24.97 5.41
N CYS A 74 2.73 -25.71 6.46
CA CYS A 74 3.74 -26.43 7.21
C CYS A 74 3.67 -27.93 6.90
N THR A 75 4.58 -28.69 7.51
CA THR A 75 4.59 -30.12 7.28
C THR A 75 3.44 -30.81 8.02
N ALA A 76 3.08 -30.27 9.20
CA ALA A 76 2.10 -30.85 10.12
C ALA A 76 2.48 -32.29 10.50
N ASN A 77 3.64 -32.42 11.16
CA ASN A 77 4.44 -33.65 11.41
C ASN A 77 3.56 -34.85 11.81
N GLY A 78 2.61 -34.69 12.72
CA GLY A 78 1.73 -35.81 13.05
C GLY A 78 0.74 -36.13 11.95
N SER A 79 0.17 -35.09 11.33
CA SER A 79 -0.89 -35.29 10.35
C SER A 79 -0.34 -35.57 8.96
N CYS A 80 -1.23 -35.98 8.05
CA CYS A 80 -0.83 -36.12 6.65
C CYS A 80 -0.95 -34.80 5.91
N ASP A 81 -2.11 -34.15 5.98
CA ASP A 81 -2.37 -32.99 5.16
C ASP A 81 -1.71 -31.76 5.77
N PRO A 82 -1.20 -30.83 4.95
CA PRO A 82 -0.58 -29.62 5.48
C PRO A 82 -1.61 -28.63 5.98
N SER A 83 -1.21 -27.84 6.97
CA SER A 83 -2.06 -26.82 7.57
C SER A 83 -1.40 -25.46 7.48
N VAL A 84 -2.17 -24.42 7.82
CA VAL A 84 -1.73 -23.04 7.75
C VAL A 84 -1.08 -22.70 9.09
N THR A 85 0.24 -22.59 9.10
CA THR A 85 0.92 -22.24 10.34
C THR A 85 0.83 -20.74 10.64
N ARG A 86 0.87 -19.90 9.60
CA ARG A 86 0.85 -18.45 9.77
C ARG A 86 0.50 -17.82 8.43
N GLN A 87 0.03 -16.58 8.48
CA GLN A 87 -0.25 -15.83 7.26
C GLN A 87 0.13 -14.37 7.47
N ALA A 88 0.46 -13.71 6.36
CA ALA A 88 0.98 -12.35 6.38
C ALA A 88 0.02 -11.43 5.65
N TYR A 89 -0.80 -10.71 6.41
CA TYR A 89 -1.73 -9.78 5.81
C TYR A 89 -1.04 -8.52 5.33
N ALA A 90 -1.73 -7.77 4.50
CA ALA A 90 -1.32 -6.42 4.13
C ALA A 90 -2.56 -5.70 3.63
N ASP A 91 -2.78 -4.48 4.10
CA ASP A 91 -4.00 -3.74 3.80
C ASP A 91 -3.66 -2.34 3.34
N VAL A 92 -4.26 -1.94 2.22
CA VAL A 92 -4.10 -0.62 1.65
C VAL A 92 -5.46 0.05 1.58
N THR A 93 -5.55 1.28 2.07
CA THR A 93 -6.78 2.04 1.96
C THR A 93 -6.51 3.43 1.41
N PHE A 94 -7.44 3.91 0.58
CA PHE A 94 -7.35 5.24 -0.01
C PHE A 94 -8.55 6.05 0.42
N SER A 95 -8.45 7.37 0.28
CA SER A 95 -9.55 8.28 0.58
C SER A 95 -9.52 9.44 -0.39
N PHE A 96 -10.65 9.73 -1.03
CA PHE A 96 -10.74 10.82 -1.97
C PHE A 96 -12.11 11.49 -1.83
N THR A 97 -12.21 12.70 -2.35
CA THR A 97 -13.48 13.40 -2.49
C THR A 97 -13.92 13.37 -3.95
N GLN A 98 -15.17 13.78 -4.18
CA GLN A 98 -15.69 13.84 -5.55
C GLN A 98 -14.98 14.92 -6.36
N TYR A 99 -14.58 16.00 -5.71
CA TYR A 99 -13.95 17.09 -6.43
C TYR A 99 -12.53 16.74 -6.85
N SER A 100 -11.93 15.74 -6.20
CA SER A 100 -10.64 15.23 -6.60
C SER A 100 -10.71 14.57 -7.97
N THR A 101 -9.86 15.00 -8.88
CA THR A 101 -9.85 14.46 -10.23
C THR A 101 -9.06 13.15 -10.26
N ASP A 102 -8.91 12.60 -11.47
CA ASP A 102 -8.21 11.32 -11.59
C ASP A 102 -6.70 11.49 -11.49
N GLU A 103 -6.18 12.64 -11.90
CA GLU A 103 -4.73 12.81 -11.97
C GLU A 103 -4.12 12.89 -10.58
N GLU A 104 -4.87 13.40 -9.59
CA GLU A 104 -4.41 13.29 -8.23
C GLU A 104 -4.53 11.85 -7.73
N ARG A 105 -5.58 11.15 -8.17
CA ARG A 105 -5.76 9.76 -7.79
C ARG A 105 -4.69 8.88 -8.43
N ALA A 106 -4.38 9.16 -9.69
CA ALA A 106 -3.34 8.38 -10.37
C ALA A 106 -1.96 8.72 -9.85
N PHE A 107 -1.80 9.94 -9.32
CA PHE A 107 -0.53 10.31 -8.72
C PHE A 107 -0.24 9.48 -7.49
N VAL A 108 -1.26 9.24 -6.67
CA VAL A 108 -1.06 8.51 -5.42
C VAL A 108 -0.72 7.05 -5.68
N ARG A 109 -1.44 6.44 -6.64
CA ARG A 109 -1.24 5.04 -6.96
C ARG A 109 0.15 4.79 -7.52
N THR A 110 0.64 5.69 -8.35
CA THR A 110 1.96 5.50 -8.92
C THR A 110 3.06 5.87 -7.93
N GLU A 111 2.80 6.85 -7.06
CA GLU A 111 3.77 7.19 -6.02
C GLU A 111 3.91 6.05 -5.02
N LEU A 112 2.79 5.44 -4.66
CA LEU A 112 2.82 4.31 -3.74
C LEU A 112 3.50 3.10 -4.36
N ALA A 113 3.35 2.93 -5.67
CA ALA A 113 4.00 1.82 -6.36
C ALA A 113 5.50 2.02 -6.40
N ALA A 114 5.94 3.25 -6.64
CA ALA A 114 7.37 3.51 -6.69
C ALA A 114 7.97 3.56 -5.31
N LEU A 115 7.15 3.84 -4.29
CA LEU A 115 7.67 3.93 -2.94
C LEU A 115 8.05 2.57 -2.39
N LEU A 116 7.34 1.52 -2.78
CA LEU A 116 7.64 0.19 -2.29
C LEU A 116 8.95 -0.33 -2.86
N ALA A 117 9.36 0.19 -4.02
CA ALA A 117 10.66 -0.18 -4.57
C ALA A 117 11.80 0.63 -3.98
N SER A 118 11.50 1.66 -3.18
CA SER A 118 12.52 2.54 -2.66
C SER A 118 13.38 1.81 -1.62
N PRO A 119 14.65 2.18 -1.48
CA PRO A 119 15.53 1.47 -0.53
C PRO A 119 15.16 1.69 0.93
N LEU A 120 14.35 2.69 1.23
CA LEU A 120 13.92 2.90 2.61
C LEU A 120 12.97 1.79 3.06
N LEU A 121 12.00 1.44 2.22
CA LEU A 121 11.01 0.47 2.64
C LEU A 121 11.52 -0.95 2.55
N ILE A 122 12.41 -1.24 1.60
CA ILE A 122 12.92 -2.61 1.48
C ILE A 122 13.88 -2.91 2.62
N ASP A 123 14.42 -1.88 3.26
CA ASP A 123 15.06 -2.07 4.55
C ASP A 123 14.01 -2.19 5.65
N ALA A 124 12.92 -1.43 5.53
CA ALA A 124 11.91 -1.39 6.57
C ALA A 124 11.01 -2.62 6.54
N ILE A 125 10.70 -3.14 5.36
CA ILE A 125 9.78 -4.27 5.27
C ILE A 125 10.52 -5.57 5.45
N ASP A 126 11.65 -5.74 4.77
CA ASP A 126 12.34 -7.01 4.81
C ASP A 126 13.14 -7.16 6.11
N GLN A 127 14.05 -6.23 6.35
CA GLN A 127 14.97 -6.34 7.48
C GLN A 127 14.36 -5.86 8.78
N LEU A 128 13.19 -5.22 8.72
CA LEU A 128 12.51 -4.61 9.87
C LEU A 128 13.39 -3.63 10.62
N ASN A 129 14.05 -2.75 9.88
CA ASN A 129 14.82 -1.70 10.51
C ASN A 129 14.04 -0.41 10.42
N PRO A 130 13.57 0.19 11.56
CA PRO A 130 12.72 1.38 11.48
C PRO A 130 13.47 2.61 10.97
N ALA A 131 12.73 3.59 10.41
CA ALA A 131 13.36 4.85 9.98
C ALA A 131 13.93 5.56 11.20
N TYR A 132 13.28 5.37 12.36
CA TYR A 132 13.76 5.98 13.62
C TYR A 132 14.89 5.13 14.20
N ALA A 133 16.08 5.18 13.58
CA ALA A 133 17.23 4.38 14.04
C ALA A 133 18.53 4.93 13.45
N TYR A 134 19.45 5.42 14.29
CA TYR A 134 20.75 5.93 13.85
C TYR A 134 21.35 4.94 12.85
N GLY A 135 21.49 3.67 13.19
CA GLY A 135 22.11 2.72 12.28
C GLY A 135 21.12 1.80 11.60
N GLY A 136 19.83 2.00 11.83
CA GLY A 136 18.83 1.14 11.22
C GLY A 136 18.51 1.54 9.80
N ALA A 137 18.19 2.82 9.59
CA ALA A 137 17.80 3.31 8.28
C ALA A 137 18.77 4.36 7.77
N LYS A 138 18.81 4.49 6.45
CA LYS A 138 19.63 5.53 5.82
C LYS A 138 19.04 6.91 6.09
N LEU A 139 17.72 7.05 5.93
CA LEU A 139 16.95 8.28 6.17
C LEU A 139 17.49 9.42 5.32
N GLU A 140 17.44 9.23 4.01
CA GLU A 140 18.00 10.16 3.04
C GLU A 140 16.87 10.60 2.13
N THR A 141 17.10 11.68 1.39
CA THR A 141 16.16 12.18 0.39
C THR A 141 15.84 11.13 -0.65
N VAL A 142 14.61 10.62 -0.63
CA VAL A 142 14.19 9.59 -1.56
C VAL A 142 13.68 10.26 -2.81
N THR A 143 14.18 9.81 -3.96
CA THR A 143 13.73 10.31 -5.24
C THR A 143 12.82 9.26 -5.88
N LEU A 144 11.63 9.69 -6.29
CA LEU A 144 10.62 8.79 -6.82
C LEU A 144 10.45 9.15 -8.28
N GLY A 145 11.05 8.35 -9.16
CA GLY A 145 10.98 8.62 -10.59
C GLY A 145 9.69 8.14 -11.21
N ASN A 146 9.44 8.64 -12.42
CA ASN A 146 8.42 8.24 -13.42
C ASN A 146 7.04 7.89 -12.82
N ILE A 147 6.56 8.71 -11.90
CA ILE A 147 5.22 8.55 -11.35
C ILE A 147 4.27 9.48 -12.09
N GLY A 148 2.99 9.27 -11.86
CA GLY A 148 1.95 10.07 -12.48
C GLY A 148 1.13 9.26 -13.46
N LYS A 149 0.24 9.98 -14.16
CA LYS A 149 -0.58 9.35 -15.20
C LYS A 149 0.27 8.82 -16.33
N ASP A 150 1.09 9.67 -16.92
CA ASP A 150 1.97 9.30 -18.01
C ASP A 150 3.35 8.84 -17.53
N GLY A 151 3.62 8.91 -16.24
CA GLY A 151 4.92 8.50 -15.75
C GLY A 151 6.03 9.45 -16.10
N LYS A 152 5.75 10.74 -16.15
CA LYS A 152 6.75 11.75 -16.46
C LYS A 152 7.01 12.70 -15.30
N GLN A 153 6.42 12.45 -14.15
CA GLN A 153 6.65 13.26 -12.98
C GLN A 153 7.69 12.60 -12.09
N THR A 154 8.35 13.42 -11.28
CA THR A 154 9.38 12.94 -10.37
C THR A 154 9.19 13.65 -9.05
N LEU A 155 9.37 12.91 -7.96
CA LEU A 155 9.15 13.42 -6.62
C LEU A 155 10.39 13.19 -5.78
N VAL A 156 10.81 14.22 -5.05
CA VAL A 156 11.90 14.11 -4.09
C VAL A 156 11.35 14.43 -2.71
N LEU A 157 11.43 13.46 -1.82
CA LEU A 157 10.92 13.62 -0.46
C LEU A 157 12.08 13.90 0.46
N ASN A 158 12.08 15.08 1.05
CA ASN A 158 13.17 15.41 1.94
C ASN A 158 12.85 14.96 3.35
N PRO A 159 13.81 14.37 4.06
CA PRO A 159 13.52 13.88 5.42
C PRO A 159 13.44 15.00 6.43
N ARG A 160 12.23 15.36 6.84
CA ARG A 160 12.04 16.40 7.85
C ARG A 160 11.95 15.78 9.24
N GLY A 161 13.03 15.09 9.61
CA GLY A 161 13.19 14.60 10.96
C GLY A 161 12.36 13.36 11.25
N VAL A 162 12.54 12.85 12.47
CA VAL A 162 11.85 11.66 12.94
C VAL A 162 11.27 11.98 14.31
N ASN A 163 9.96 11.77 14.46
CA ASN A 163 9.28 12.06 15.71
C ASN A 163 9.51 10.91 16.67
N PRO A 164 10.19 11.12 17.80
CA PRO A 164 10.45 9.99 18.72
C PRO A 164 9.26 9.65 19.60
N THR A 165 8.27 10.55 19.70
CA THR A 165 7.12 10.31 20.56
C THR A 165 6.24 9.20 20.01
N ASN A 166 5.94 9.25 18.71
CA ASN A 166 5.17 8.18 18.08
C ASN A 166 6.05 7.16 17.37
N GLY A 167 7.34 7.46 17.19
CA GLY A 167 8.23 6.58 16.47
C GLY A 167 8.16 6.68 14.96
N VAL A 168 7.27 7.50 14.43
CA VAL A 168 7.08 7.59 12.99
C VAL A 168 8.20 8.41 12.38
N ALA A 169 8.40 8.22 11.09
CA ALA A 169 9.30 9.08 10.33
C ALA A 169 8.49 10.21 9.70
N SER A 170 9.13 10.98 8.83
CA SER A 170 8.44 12.01 8.06
C SER A 170 9.27 12.35 6.83
N LEU A 171 8.69 12.18 5.65
CA LEU A 171 9.37 12.50 4.40
C LEU A 171 8.47 13.47 3.66
N SER A 172 8.81 14.75 3.71
CA SER A 172 7.95 15.78 3.15
C SER A 172 8.52 16.30 1.84
N GLN A 173 7.67 17.03 1.13
CA GLN A 173 8.04 17.80 -0.03
C GLN A 173 8.94 18.96 0.41
N ALA A 174 9.73 19.48 -0.52
CA ALA A 174 10.60 20.61 -0.25
C ALA A 174 9.91 21.97 -0.46
N GLY A 175 8.59 22.03 -0.30
CA GLY A 175 7.86 23.27 -0.46
C GLY A 175 8.07 24.23 0.70
N ALA A 176 7.38 25.37 0.63
CA ALA A 176 7.58 26.47 1.56
C ALA A 176 6.59 26.44 2.73
N VAL A 177 5.30 26.52 2.42
CA VAL A 177 4.27 26.58 3.46
C VAL A 177 4.07 25.16 3.99
N PRO A 178 4.07 24.96 5.31
CA PRO A 178 3.97 23.61 5.86
C PRO A 178 2.64 22.92 5.60
N ALA A 179 1.59 23.65 5.25
CA ALA A 179 0.34 23.01 4.89
C ALA A 179 0.34 22.48 3.47
N LEU A 180 1.37 22.76 2.68
CA LEU A 180 1.39 22.35 1.28
C LEU A 180 2.37 21.22 1.01
N GLU A 181 2.95 20.63 2.05
CA GLU A 181 3.95 19.60 1.85
C GLU A 181 3.29 18.24 1.67
N LYS A 182 3.85 17.45 0.75
CA LYS A 182 3.31 16.14 0.39
C LYS A 182 3.96 15.07 1.27
N ARG A 183 3.66 15.16 2.56
CA ARG A 183 4.45 14.46 3.56
C ARG A 183 4.09 12.99 3.69
N VAL A 184 5.11 12.15 3.66
CA VAL A 184 4.97 10.70 3.73
C VAL A 184 5.60 10.23 5.03
N THR A 185 4.83 9.51 5.84
CA THR A 185 5.30 9.03 7.13
C THR A 185 5.38 7.51 7.12
N VAL A 186 6.51 6.98 7.56
CA VAL A 186 6.73 5.53 7.64
C VAL A 186 6.91 5.15 9.09
N SER A 187 6.02 4.31 9.60
CA SER A 187 6.10 3.83 10.97
C SER A 187 6.32 2.33 10.96
N VAL A 188 7.55 1.92 11.23
CA VAL A 188 7.92 0.51 11.30
C VAL A 188 7.91 0.04 12.76
N SER A 189 7.17 0.72 13.62
CA SER A 189 7.14 0.41 15.03
C SER A 189 6.47 -0.94 15.25
N GLN A 190 7.13 -1.80 16.01
CA GLN A 190 6.79 -3.20 16.06
C GLN A 190 6.41 -3.65 17.47
N PRO A 191 5.14 -3.50 17.85
CA PRO A 191 4.75 -3.95 19.19
C PRO A 191 4.54 -5.45 19.19
N SER A 192 5.51 -6.18 19.72
CA SER A 192 5.47 -7.62 19.74
C SER A 192 4.90 -8.17 21.03
N ARG A 193 4.42 -7.32 21.94
CA ARG A 193 3.94 -7.79 23.23
C ARG A 193 2.43 -7.95 23.26
N ASN A 194 1.70 -6.85 23.03
CA ASN A 194 0.25 -6.90 23.12
C ASN A 194 -0.38 -7.30 21.80
N ARG A 195 0.12 -6.73 20.70
CA ARG A 195 -0.38 -7.10 19.39
C ARG A 195 0.14 -8.47 18.95
N LYS A 196 1.29 -8.88 19.51
CA LYS A 196 2.06 -10.10 19.16
C LYS A 196 2.35 -10.21 17.66
N ASN A 197 2.44 -9.06 16.99
CA ASN A 197 2.64 -9.03 15.54
C ASN A 197 3.46 -7.81 15.22
N TYR A 198 3.75 -7.65 13.94
CA TYR A 198 4.58 -6.56 13.46
C TYR A 198 3.77 -5.69 12.51
N LYS A 199 3.62 -4.42 12.84
CA LYS A 199 2.80 -3.49 12.06
C LYS A 199 3.71 -2.48 11.39
N VAL A 200 3.57 -2.32 10.08
CA VAL A 200 4.24 -1.27 9.33
C VAL A 200 3.18 -0.38 8.72
N GLN A 201 3.32 0.95 8.89
CA GLN A 201 2.25 1.88 8.41
C GLN A 201 2.85 3.03 7.59
N VAL A 202 2.31 3.28 6.39
CA VAL A 202 2.78 4.41 5.52
C VAL A 202 1.59 5.30 5.14
N LYS A 203 1.71 6.62 5.30
CA LYS A 203 0.63 7.55 4.87
C LYS A 203 1.13 8.53 3.81
N ILE A 204 0.61 8.36 2.60
CA ILE A 204 0.97 9.24 1.46
C ILE A 204 0.09 10.47 1.61
N GLN A 205 0.34 11.28 2.64
CA GLN A 205 -0.48 12.51 2.69
C GLN A 205 -0.11 13.27 1.42
N ASN A 206 -1.11 13.61 0.61
CA ASN A 206 -0.82 14.27 -0.69
C ASN A 206 -1.73 15.50 -0.76
N PRO A 207 -1.56 16.57 0.06
CA PRO A 207 -2.53 17.68 0.00
C PRO A 207 -2.57 18.44 -1.34
N THR A 208 -3.60 19.28 -1.54
CA THR A 208 -3.73 20.07 -2.81
C THR A 208 -4.15 21.52 -2.52
N ALA A 209 -3.58 22.51 -3.21
CA ALA A 209 -3.88 23.91 -3.00
C ALA A 209 -4.49 24.50 -4.27
N CYS A 210 -5.64 25.15 -4.12
CA CYS A 210 -6.28 25.86 -5.23
C CYS A 210 -7.04 27.04 -4.64
N THR A 211 -6.42 28.21 -4.65
CA THR A 211 -7.05 29.38 -4.07
C THR A 211 -6.68 30.62 -4.88
N ALA A 212 -7.67 31.48 -5.10
CA ALA A 212 -7.46 32.77 -5.70
C ALA A 212 -8.36 33.77 -5.01
N ASN A 213 -7.84 35.00 -4.85
CA ASN A 213 -8.48 36.17 -4.23
C ASN A 213 -8.78 35.93 -2.74
N GLY A 214 -8.13 34.93 -2.14
CA GLY A 214 -8.23 34.74 -0.71
C GLY A 214 -7.06 35.39 0.00
N SER A 215 -6.96 36.72 -0.15
CA SER A 215 -5.84 37.55 0.31
C SER A 215 -4.50 37.07 -0.23
N CYS A 216 -4.52 36.50 -1.45
CA CYS A 216 -3.34 36.05 -2.20
C CYS A 216 -2.52 35.02 -1.43
N ASP A 217 -3.22 34.12 -0.72
CA ASP A 217 -2.54 33.04 0.05
C ASP A 217 -3.25 31.71 -0.21
N PRO A 218 -2.56 30.60 -0.60
CA PRO A 218 -3.27 29.34 -0.94
C PRO A 218 -3.88 28.61 0.26
N SER A 219 -4.86 27.73 0.00
CA SER A 219 -5.52 26.97 1.10
C SER A 219 -5.58 25.48 0.74
N VAL A 220 -5.43 24.60 1.74
CA VAL A 220 -5.44 23.13 1.50
C VAL A 220 -6.85 22.64 1.14
N THR A 221 -6.97 21.74 0.16
CA THR A 221 -8.29 21.17 -0.21
C THR A 221 -8.19 19.64 -0.36
N ARG A 222 -9.12 18.87 0.22
CA ARG A 222 -9.19 17.39 0.08
C ARG A 222 -8.03 16.68 0.81
N GLN A 223 -6.78 16.93 0.41
CA GLN A 223 -5.57 16.36 1.07
C GLN A 223 -5.25 14.95 0.55
N ALA A 224 -6.13 14.34 -0.26
CA ALA A 224 -5.83 13.03 -0.90
C ALA A 224 -5.26 12.03 0.11
N TYR A 225 -5.90 11.86 1.27
CA TYR A 225 -5.36 10.97 2.34
C TYR A 225 -5.21 9.54 1.82
N ALA A 226 -4.08 8.88 2.14
CA ALA A 226 -3.90 7.46 1.76
C ALA A 226 -3.16 6.74 2.90
N ASP A 227 -3.45 5.45 3.10
CA ASP A 227 -2.82 4.69 4.22
C ASP A 227 -2.47 3.26 3.77
N VAL A 228 -1.37 2.69 4.27
CA VAL A 228 -0.99 1.28 3.96
C VAL A 228 -0.62 0.61 5.30
N THR A 229 -1.10 -0.60 5.57
CA THR A 229 -0.69 -1.27 6.80
C THR A 229 -0.36 -2.72 6.53
N PHE A 230 0.80 -3.15 7.03
CA PHE A 230 1.27 -4.52 6.94
C PHE A 230 1.11 -5.20 8.28
N SER A 231 1.03 -6.53 8.26
CA SER A 231 0.93 -7.30 9.50
C SER A 231 1.69 -8.61 9.32
N PHE A 232 2.82 -8.73 10.02
CA PHE A 232 3.62 -9.95 10.02
C PHE A 232 3.76 -10.44 11.45
N THR A 233 3.96 -11.76 11.60
CA THR A 233 4.12 -12.36 12.95
C THR A 233 5.58 -12.79 13.15
N GLN A 234 5.89 -13.45 14.27
CA GLN A 234 7.25 -13.96 14.52
C GLN A 234 7.49 -15.21 13.65
N TYR A 235 8.75 -15.55 13.36
CA TYR A 235 9.11 -16.77 12.58
C TYR A 235 8.82 -16.59 11.08
N SER A 236 8.19 -15.47 10.68
CA SER A 236 8.00 -15.24 9.27
C SER A 236 9.30 -14.73 8.67
N THR A 237 9.80 -15.45 7.67
CA THR A 237 11.06 -15.08 7.05
C THR A 237 10.89 -13.81 6.23
N ASP A 238 12.01 -13.16 5.95
CA ASP A 238 11.97 -11.90 5.21
C ASP A 238 11.57 -12.11 3.75
N GLU A 239 11.86 -13.29 3.20
CA GLU A 239 11.43 -13.58 1.84
C GLU A 239 9.92 -13.75 1.76
N GLU A 240 9.31 -14.20 2.85
CA GLU A 240 7.85 -14.14 2.94
C GLU A 240 7.38 -12.69 3.03
N ARG A 241 8.15 -11.85 3.71
CA ARG A 241 7.79 -10.44 3.81
C ARG A 241 8.05 -9.71 2.50
N ALA A 242 9.18 -10.01 1.86
CA ALA A 242 9.50 -9.36 0.60
C ALA A 242 8.59 -9.81 -0.52
N PHE A 243 8.00 -11.00 -0.39
CA PHE A 243 7.02 -11.44 -1.37
C PHE A 243 5.78 -10.58 -1.30
N VAL A 244 5.39 -10.15 -0.10
CA VAL A 244 4.17 -9.36 0.06
C VAL A 244 4.37 -7.96 -0.49
N ARG A 245 5.51 -7.35 -0.18
CA ARG A 245 5.78 -5.97 -0.59
C ARG A 245 5.89 -5.86 -2.10
N THR A 246 6.55 -6.82 -2.74
CA THR A 246 6.79 -6.74 -4.17
C THR A 246 5.50 -6.95 -4.97
N GLU A 247 4.62 -7.85 -4.51
CA GLU A 247 3.39 -8.07 -5.23
C GLU A 247 2.39 -6.96 -4.98
N LEU A 248 2.54 -6.23 -3.88
CA LEU A 248 1.75 -5.02 -3.70
C LEU A 248 2.15 -3.96 -4.72
N ALA A 249 3.43 -3.90 -5.05
CA ALA A 249 3.89 -2.99 -6.09
C ALA A 249 3.39 -3.43 -7.45
N ALA A 250 3.21 -4.73 -7.66
CA ALA A 250 2.74 -5.21 -8.95
C ALA A 250 1.26 -4.94 -9.15
N LEU A 251 0.47 -4.92 -8.07
CA LEU A 251 -0.96 -4.67 -8.22
C LEU A 251 -1.24 -3.22 -8.55
N LEU A 252 -0.41 -2.31 -8.07
CA LEU A 252 -0.65 -0.90 -8.33
C LEU A 252 -0.32 -0.53 -9.76
N ALA A 253 0.40 -1.38 -10.49
CA ALA A 253 0.52 -1.23 -11.92
C ALA A 253 -0.45 -2.10 -12.69
N SER A 254 -1.21 -2.95 -12.01
CA SER A 254 -2.11 -3.87 -12.70
C SER A 254 -3.33 -3.13 -13.24
N PRO A 255 -3.86 -3.56 -14.39
CA PRO A 255 -5.02 -2.87 -14.97
C PRO A 255 -6.29 -3.02 -14.17
N LEU A 256 -6.38 -4.00 -13.28
CA LEU A 256 -7.55 -4.13 -12.42
C LEU A 256 -7.61 -3.01 -11.41
N LEU A 257 -6.45 -2.51 -10.98
CA LEU A 257 -6.42 -1.42 -10.02
C LEU A 257 -6.22 -0.06 -10.67
N ILE A 258 -5.91 -0.01 -11.97
CA ILE A 258 -5.83 1.27 -12.65
C ILE A 258 -7.20 1.91 -12.74
N ASP A 259 -8.17 1.17 -13.26
CA ASP A 259 -9.52 1.73 -13.37
C ASP A 259 -10.23 1.78 -12.02
N ALA A 260 -9.79 0.94 -11.07
CA ALA A 260 -10.38 0.98 -9.74
C ALA A 260 -9.96 2.24 -8.98
N ILE A 261 -8.76 2.76 -9.27
CA ILE A 261 -8.27 3.94 -8.58
C ILE A 261 -8.59 5.18 -9.39
N ASP A 262 -8.20 5.19 -10.66
CA ASP A 262 -8.31 6.40 -11.47
C ASP A 262 -9.75 6.71 -11.82
N GLN A 263 -10.44 5.75 -12.43
CA GLN A 263 -11.82 5.96 -12.85
C GLN A 263 -12.82 5.61 -11.77
N LEU A 264 -12.35 5.04 -10.65
CA LEU A 264 -13.16 4.63 -9.50
C LEU A 264 -14.23 3.61 -9.89
N ASN A 265 -13.94 2.76 -10.86
CA ASN A 265 -14.89 1.75 -11.29
C ASN A 265 -14.70 0.48 -10.49
N PRO A 266 -15.69 0.02 -9.74
CA PRO A 266 -15.59 -1.29 -9.10
C PRO A 266 -15.62 -2.40 -10.13
N ALA A 267 -14.54 -3.16 -10.22
CA ALA A 267 -14.43 -4.20 -11.24
C ALA A 267 -15.35 -5.37 -10.92
N TYR A 268 -16.56 -5.36 -11.47
CA TYR A 268 -17.52 -6.41 -11.20
C TYR A 268 -17.23 -7.63 -12.06
#